data_8GRS
#
_entry.id   8GRS
#
loop_
_entity.id
_entity.type
_entity.pdbx_description
1 polymer 'CSC1-like protein 1'
2 non-polymer '(2S)-3-(hexadecanoyloxy)-2-[(9Z)-octadec-9-enoyloxy]propyl 2-(trimethylammonio)ethyl phosphate'
#
_entity_poly.entity_id   1
_entity_poly.type   'polypeptide(L)'
_entity_poly.pdbx_seq_one_letter_code
;MMDSPFLELWQSKAVSIREQLGLGDRPNDSYCYNSAKNSTVLQGVTFGGIPTVLLIDVSCFLFLILVFSIIRRRFWDYGR
IALVSEADSESRFQRLSSTSSSGQQDFENELGCCPWLTAIFRLHDDQILEWCGEDAIHYLSFQRHIIFLLVVVSFLSLCV
ILPVNLSGDLLDKDPYSFGRTTIANLQTDNDLLWLHTIFAVIYLFLTVGFMRHHTQSIKYKEENLVRRTLFITGLPRDAR
KETVESHFRDAYPTCEVVDVQLCYNVAKLIYLCKEKKKTEKSLTYYTNLQVKTGQRTLINPKPCGQFCCCEVLGCEWEDA
ISYYTRMKDRLLERITEEERHVQDQPLGMAFVTFQEKSMATYILKDFNACKCQSLQCKGEPQPSSHSRELYTSKWTVTFA
ADPEDICWKNLSIQGLRWWLQWLGINFTLFLGLFFLTTPSIILSTMDKFNVTKPIHALNNPIISQFFPTLLLWSFSALLP
SIVYYSTLLESHWTKSGENQIMMTKVYIFLIFMVLILPSLGLTSLDFFFRWLFDKTSSEASIRLECVFLPDQGAFFVNYV
IASAFIGNGMELLRLPGLILYTFRMIMAKTAADRRNVKQNQAFQYEFGAMYAWMLCVFTVIVAYSITCPIIAPFGLIYIL
LKHMVDRHNLYFVYLPAKLEKGIHFAAVNQALAAPILCLFWLYFFSFLRLGMKAPATLFTFLVLLLTILVCLAHTCFGCF
KHLSPLNYKTEEPASDKGSEAEAHMPPPFTPYVPRILNGLASERTALSPQQQQQQTYGAIHNISGTIPGQCLAQSATGSV
AAAPQEA
;
_entity_poly.pdbx_strand_id   A
#
# COMPACT_ATOMS: atom_id res chain seq x y z
N LEU A 9 -23.53 -20.70 24.59
CA LEU A 9 -23.49 -19.25 24.53
C LEU A 9 -22.72 -18.77 23.32
N TRP A 10 -21.63 -19.46 22.98
CA TRP A 10 -20.82 -19.05 21.84
C TRP A 10 -20.71 -20.17 20.80
N GLN A 11 -21.09 -21.39 21.17
CA GLN A 11 -21.03 -22.53 20.24
C GLN A 11 -22.19 -23.50 20.46
N SER A 12 -22.89 -23.36 21.58
CA SER A 12 -23.99 -24.27 21.90
C SER A 12 -25.33 -23.59 21.70
N LYS A 13 -25.79 -22.87 22.71
CA LYS A 13 -27.05 -22.15 22.59
C LYS A 13 -26.96 -21.19 21.44
N ALA A 14 -25.75 -20.75 21.12
CA ALA A 14 -25.54 -19.81 20.04
C ALA A 14 -26.44 -20.10 18.87
N VAL A 15 -26.17 -21.20 18.17
CA VAL A 15 -26.94 -21.52 16.98
C VAL A 15 -28.43 -21.67 17.27
N SER A 16 -28.78 -22.26 18.41
CA SER A 16 -30.18 -22.48 18.73
C SER A 16 -31.05 -21.25 18.54
N ILE A 17 -30.70 -20.15 19.18
CA ILE A 17 -31.51 -18.95 19.07
C ILE A 17 -31.62 -18.53 17.63
N ARG A 18 -30.50 -18.47 16.92
CA ARG A 18 -30.53 -18.01 15.55
C ARG A 18 -31.37 -18.94 14.72
N GLU A 19 -31.23 -20.23 14.95
CA GLU A 19 -31.97 -21.21 14.17
C GLU A 19 -33.46 -20.94 14.14
N GLN A 20 -34.03 -20.55 15.27
CA GLN A 20 -35.47 -20.36 15.31
C GLN A 20 -35.88 -19.00 15.85
N LEU A 21 -35.55 -17.95 15.14
CA LEU A 21 -35.99 -16.62 15.56
C LEU A 21 -36.70 -15.94 14.41
N GLY A 22 -37.71 -15.13 14.73
CA GLY A 22 -38.44 -14.42 13.69
C GLY A 22 -39.47 -15.30 13.03
N LEU A 23 -39.02 -16.18 12.13
CA LEU A 23 -39.93 -17.06 11.42
C LEU A 23 -41.09 -16.29 10.86
N GLY A 24 -40.81 -15.29 10.04
CA GLY A 24 -41.86 -14.44 9.53
C GLY A 24 -42.33 -13.58 10.67
N ASP A 25 -43.53 -13.84 11.17
CA ASP A 25 -44.07 -13.11 12.32
C ASP A 25 -43.58 -11.68 12.43
N ARG A 26 -44.03 -10.83 11.52
CA ARG A 26 -43.66 -9.42 11.57
C ARG A 26 -44.87 -8.56 11.80
N PRO A 27 -45.34 -8.48 13.06
CA PRO A 27 -46.44 -7.55 13.26
C PRO A 27 -45.96 -6.18 12.89
N ASN A 28 -44.70 -5.89 13.20
CA ASN A 28 -44.15 -4.60 12.88
C ASN A 28 -42.64 -4.69 12.77
N ASP A 29 -42.07 -5.85 13.06
CA ASP A 29 -40.62 -5.92 13.05
C ASP A 29 -40.06 -5.92 11.66
N SER A 30 -38.86 -5.39 11.53
CA SER A 30 -38.28 -5.29 10.22
C SER A 30 -37.27 -6.37 10.08
N TYR A 31 -36.62 -6.76 11.17
CA TYR A 31 -35.53 -7.72 11.08
C TYR A 31 -34.83 -7.49 9.77
N CYS A 32 -34.82 -8.49 8.90
CA CYS A 32 -34.24 -8.30 7.60
C CYS A 32 -34.46 -9.63 7.02
N TYR A 33 -34.04 -10.62 7.75
CA TYR A 33 -34.21 -11.96 7.29
C TYR A 33 -35.53 -12.44 7.81
N ASN A 34 -36.55 -11.58 7.74
CA ASN A 34 -37.85 -11.93 8.25
C ASN A 34 -38.45 -13.00 7.39
N SER A 35 -38.31 -12.86 6.07
CA SER A 35 -38.84 -13.86 5.16
C SER A 35 -37.96 -15.07 5.15
N ALA A 36 -37.87 -15.76 6.28
CA ALA A 36 -36.98 -16.88 6.39
C ALA A 36 -37.67 -18.19 6.61
N LYS A 37 -37.06 -19.25 6.13
CA LYS A 37 -37.61 -20.55 6.39
C LYS A 37 -36.90 -20.92 7.64
N ASN A 38 -37.39 -20.45 8.78
CA ASN A 38 -36.75 -20.68 10.06
C ASN A 38 -35.46 -19.89 10.19
N SER A 39 -34.55 -20.01 9.24
CA SER A 39 -33.33 -19.22 9.26
C SER A 39 -32.84 -19.04 7.85
N THR A 40 -31.75 -18.30 7.68
CA THR A 40 -31.17 -18.12 6.36
C THR A 40 -29.69 -17.94 6.51
N VAL A 41 -28.91 -18.54 5.62
CA VAL A 41 -27.48 -18.49 5.75
C VAL A 41 -26.97 -17.10 5.72
N LEU A 42 -27.74 -16.19 5.17
CA LEU A 42 -27.25 -14.86 5.05
C LEU A 42 -27.17 -14.23 6.42
N GLN A 43 -27.58 -14.93 7.47
CA GLN A 43 -27.61 -14.33 8.81
C GLN A 43 -26.27 -13.83 9.27
N GLY A 44 -25.37 -14.75 9.57
CA GLY A 44 -24.07 -14.35 10.04
C GLY A 44 -23.46 -15.39 10.95
N VAL A 45 -22.17 -15.60 10.82
CA VAL A 45 -21.55 -16.62 11.61
C VAL A 45 -21.39 -16.08 13.00
N THR A 46 -21.99 -16.76 13.97
CA THR A 46 -21.92 -16.32 15.37
C THR A 46 -21.73 -14.84 15.61
N PHE A 47 -20.64 -14.45 16.24
CA PHE A 47 -20.49 -13.05 16.58
C PHE A 47 -19.83 -12.28 15.50
N GLY A 48 -19.69 -12.88 14.35
CA GLY A 48 -19.13 -12.18 13.22
C GLY A 48 -17.93 -12.94 12.81
N GLY A 49 -17.31 -13.57 13.77
CA GLY A 49 -16.12 -14.30 13.47
C GLY A 49 -15.08 -13.73 14.38
N ILE A 50 -15.26 -12.49 14.77
CA ILE A 50 -14.32 -11.88 15.68
C ILE A 50 -13.92 -12.77 16.83
N PRO A 51 -14.83 -13.56 17.41
CA PRO A 51 -14.33 -14.45 18.45
C PRO A 51 -13.31 -15.43 17.93
N THR A 52 -13.68 -16.36 17.07
CA THR A 52 -12.72 -17.36 16.66
C THR A 52 -11.49 -16.80 15.98
N VAL A 53 -11.62 -15.79 15.13
CA VAL A 53 -10.43 -15.20 14.52
C VAL A 53 -9.46 -14.63 15.54
N LEU A 54 -9.96 -13.92 16.54
CA LEU A 54 -9.07 -13.37 17.55
C LEU A 54 -8.32 -14.48 18.19
N LEU A 55 -8.99 -15.54 18.60
CA LEU A 55 -8.30 -16.59 19.30
C LEU A 55 -7.28 -17.21 18.39
N ILE A 56 -7.64 -17.53 17.17
CA ILE A 56 -6.69 -18.22 16.31
C ILE A 56 -5.53 -17.30 15.96
N ASP A 57 -5.79 -16.00 15.85
CA ASP A 57 -4.72 -15.08 15.58
C ASP A 57 -3.90 -14.66 16.80
N VAL A 58 -4.50 -14.56 17.97
CA VAL A 58 -3.70 -14.17 19.10
C VAL A 58 -2.93 -15.38 19.49
N SER A 59 -3.38 -16.56 19.12
CA SER A 59 -2.58 -17.70 19.41
C SER A 59 -1.38 -17.62 18.51
N CYS A 60 -1.62 -17.29 17.25
CA CYS A 60 -0.52 -17.18 16.31
C CYS A 60 0.48 -16.09 16.67
N PHE A 61 0.04 -15.00 17.28
CA PHE A 61 0.97 -13.99 17.71
C PHE A 61 1.79 -14.64 18.78
N LEU A 62 1.13 -15.34 19.68
CA LEU A 62 1.84 -15.93 20.80
C LEU A 62 2.58 -17.15 20.36
N PHE A 63 2.54 -17.50 19.08
CA PHE A 63 3.36 -18.61 18.61
C PHE A 63 4.54 -17.95 17.95
N LEU A 64 4.29 -17.10 16.98
CA LEU A 64 5.37 -16.42 16.30
C LEU A 64 6.29 -15.66 17.27
N ILE A 65 5.78 -15.03 18.30
CA ILE A 65 6.69 -14.39 19.23
C ILE A 65 7.29 -15.34 20.21
N LEU A 66 7.01 -16.63 20.05
CA LEU A 66 7.64 -17.61 20.89
C LEU A 66 8.55 -18.36 19.99
N VAL A 67 8.48 -18.10 18.69
CA VAL A 67 9.43 -18.71 17.78
C VAL A 67 10.34 -17.58 17.39
N PHE A 68 10.38 -16.53 18.20
CA PHE A 68 11.34 -15.49 17.92
C PHE A 68 12.28 -15.56 19.05
N SER A 69 11.75 -15.76 20.24
CA SER A 69 12.62 -15.76 21.38
C SER A 69 13.56 -16.89 21.23
N ILE A 70 13.11 -17.94 20.58
CA ILE A 70 13.94 -19.09 20.40
C ILE A 70 14.96 -18.80 19.32
N ILE A 71 14.59 -18.06 18.29
CA ILE A 71 15.51 -17.84 17.17
C ILE A 71 16.35 -16.56 17.19
N ARG A 72 16.07 -15.64 18.08
CA ARG A 72 16.78 -14.37 18.08
C ARG A 72 18.24 -14.58 18.02
N ARG A 73 18.81 -15.14 19.06
CA ARG A 73 20.24 -15.27 19.12
C ARG A 73 20.69 -16.61 18.64
N ARG A 74 19.75 -17.50 18.37
CA ARG A 74 20.13 -18.77 17.80
C ARG A 74 20.11 -18.51 16.33
N PHE A 75 19.59 -19.45 15.53
CA PHE A 75 19.59 -19.31 14.08
C PHE A 75 20.57 -18.29 13.57
N TRP A 76 21.87 -18.53 13.76
CA TRP A 76 22.89 -17.57 13.39
C TRP A 76 22.63 -16.27 14.10
N ASP A 77 21.87 -15.35 13.53
CA ASP A 77 21.50 -14.16 14.28
C ASP A 77 20.42 -13.31 13.65
N TYR A 78 19.39 -13.90 13.06
CA TYR A 78 18.40 -13.08 12.36
C TYR A 78 17.56 -12.26 13.29
N GLY A 79 17.88 -12.26 14.56
CA GLY A 79 17.15 -11.42 15.47
C GLY A 79 17.92 -10.16 15.47
N ARG A 80 18.88 -10.07 16.37
CA ARG A 80 19.73 -8.93 16.34
C ARG A 80 20.63 -9.26 15.21
N ILE A 81 20.42 -8.66 14.05
CA ILE A 81 21.33 -8.87 12.94
C ILE A 81 21.98 -7.56 12.65
N ALA A 82 21.52 -6.53 13.32
CA ALA A 82 22.07 -5.24 13.03
C ALA A 82 22.89 -4.77 14.20
N LEU A 83 22.60 -5.31 15.35
CA LEU A 83 23.38 -4.95 16.52
C LEU A 83 24.65 -5.76 16.53
N VAL A 84 24.85 -6.59 15.51
CA VAL A 84 26.01 -7.45 15.50
C VAL A 84 27.26 -6.76 15.01
N SER A 85 27.56 -6.87 13.72
CA SER A 85 28.81 -6.32 13.21
C SER A 85 28.65 -5.11 12.30
N GLU A 86 29.77 -4.52 11.90
CA GLU A 86 29.74 -3.34 11.04
C GLU A 86 28.80 -3.51 9.87
N TRP A 131 21.05 7.12 17.17
CA TRP A 131 21.47 5.75 16.96
C TRP A 131 20.87 5.16 15.70
N CYS A 132 19.54 5.09 15.60
CA CYS A 132 18.90 4.45 14.46
C CYS A 132 18.47 5.41 13.39
N GLY A 133 18.64 6.69 13.62
CA GLY A 133 18.34 7.63 12.57
C GLY A 133 17.62 8.86 13.03
N GLU A 134 17.20 9.68 12.09
CA GLU A 134 16.44 10.84 12.43
C GLU A 134 15.30 10.61 11.54
N ASP A 135 15.51 9.72 10.57
CA ASP A 135 14.44 9.36 9.67
C ASP A 135 13.82 8.12 10.22
N ALA A 136 13.83 7.98 11.53
CA ALA A 136 13.23 6.84 12.15
C ALA A 136 12.55 7.36 13.35
N ILE A 137 13.06 8.41 13.94
CA ILE A 137 12.32 8.97 15.04
C ILE A 137 11.13 9.62 14.40
N HIS A 138 11.23 9.95 13.12
CA HIS A 138 10.08 10.49 12.44
C HIS A 138 9.06 9.38 12.18
N TYR A 139 9.50 8.18 11.82
CA TYR A 139 8.57 7.12 11.49
C TYR A 139 7.94 6.68 12.75
N LEU A 140 8.72 6.57 13.79
CA LEU A 140 8.13 6.23 15.05
C LEU A 140 7.24 7.36 15.50
N SER A 141 7.50 8.60 15.15
CA SER A 141 6.60 9.62 15.60
C SER A 141 5.34 9.60 14.83
N PHE A 142 5.38 9.21 13.57
CA PHE A 142 4.14 9.08 12.82
C PHE A 142 3.39 7.97 13.46
N GLN A 143 4.06 6.90 13.83
CA GLN A 143 3.32 5.80 14.37
C GLN A 143 2.67 6.27 15.64
N ARG A 144 3.34 7.09 16.43
CA ARG A 144 2.78 7.49 17.70
C ARG A 144 1.63 8.43 17.52
N HIS A 145 1.72 9.28 16.53
CA HIS A 145 0.65 10.20 16.38
C HIS A 145 -0.53 9.42 15.87
N ILE A 146 -0.31 8.39 15.08
CA ILE A 146 -1.45 7.57 14.66
C ILE A 146 -2.01 6.77 15.80
N ILE A 147 -1.20 6.33 16.74
CA ILE A 147 -1.70 5.64 17.91
C ILE A 147 -2.61 6.59 18.58
N PHE A 148 -2.20 7.83 18.78
CA PHE A 148 -3.10 8.68 19.54
C PHE A 148 -4.34 9.05 18.76
N LEU A 149 -4.23 9.11 17.43
CA LEU A 149 -5.37 9.46 16.60
C LEU A 149 -6.33 8.37 16.77
N LEU A 150 -5.86 7.13 16.76
CA LEU A 150 -6.75 6.01 16.83
C LEU A 150 -7.22 5.79 18.24
N VAL A 151 -6.55 6.30 19.26
CA VAL A 151 -7.08 6.15 20.59
C VAL A 151 -8.26 7.04 20.56
N VAL A 152 -8.08 8.27 20.09
CA VAL A 152 -9.27 9.09 20.13
C VAL A 152 -10.35 8.47 19.30
N VAL A 153 -9.99 7.85 18.17
CA VAL A 153 -11.02 7.35 17.28
C VAL A 153 -11.70 6.33 18.06
N SER A 154 -11.04 5.30 18.51
CA SER A 154 -11.60 4.28 19.30
C SER A 154 -12.53 4.87 20.30
N PHE A 155 -12.08 5.67 21.24
CA PHE A 155 -13.00 6.12 22.26
C PHE A 155 -14.25 6.64 21.62
N LEU A 156 -14.12 7.79 20.95
CA LEU A 156 -15.31 8.40 20.41
C LEU A 156 -16.14 7.35 19.75
N SER A 157 -15.61 6.70 18.72
CA SER A 157 -16.29 5.69 17.95
C SER A 157 -16.99 4.85 18.85
N LEU A 158 -16.33 3.88 19.43
CA LEU A 158 -16.97 2.93 20.27
C LEU A 158 -18.10 3.61 20.95
N CYS A 159 -17.83 4.45 21.93
CA CYS A 159 -18.97 4.98 22.64
C CYS A 159 -20.14 5.41 21.75
N VAL A 160 -19.99 6.58 21.17
CA VAL A 160 -21.13 7.07 20.43
C VAL A 160 -21.71 6.10 19.44
N ILE A 161 -20.89 5.56 18.54
CA ILE A 161 -21.44 4.79 17.43
C ILE A 161 -21.95 3.44 17.80
N LEU A 162 -21.42 2.84 18.84
CA LEU A 162 -21.84 1.54 19.16
C LEU A 162 -23.21 1.81 19.70
N PRO A 163 -23.29 2.69 20.72
CA PRO A 163 -24.69 2.92 21.01
C PRO A 163 -25.63 3.24 19.86
N VAL A 164 -25.25 4.14 18.98
CA VAL A 164 -26.13 4.57 17.92
C VAL A 164 -26.59 3.38 17.10
N ASN A 165 -25.69 2.51 16.73
CA ASN A 165 -26.03 1.40 15.90
C ASN A 165 -26.82 0.36 16.62
N LEU A 166 -26.41 0.06 17.82
CA LEU A 166 -27.14 -0.90 18.57
C LEU A 166 -28.58 -0.47 18.76
N SER A 167 -28.87 0.83 18.73
CA SER A 167 -30.28 1.17 18.88
C SER A 167 -31.06 0.93 17.62
N GLY A 168 -30.76 -0.14 16.92
CA GLY A 168 -31.33 -0.23 15.59
C GLY A 168 -32.58 -1.06 15.57
N ASP A 169 -32.88 -1.66 14.44
CA ASP A 169 -34.05 -2.48 14.33
C ASP A 169 -33.79 -3.57 13.34
N LEU A 170 -33.14 -3.25 12.24
CA LEU A 170 -32.79 -4.28 11.30
C LEU A 170 -31.69 -5.02 11.97
N LEU A 171 -31.48 -6.26 11.59
CA LEU A 171 -30.47 -7.09 12.20
C LEU A 171 -30.42 -6.96 13.72
N ASP A 172 -31.58 -6.90 14.38
CA ASP A 172 -31.58 -6.69 15.81
C ASP A 172 -32.28 -7.79 16.55
N LYS A 173 -33.19 -8.45 15.87
CA LYS A 173 -33.90 -9.55 16.48
C LYS A 173 -32.92 -10.65 16.76
N ASP A 174 -31.84 -10.69 16.00
CA ASP A 174 -30.81 -11.69 16.23
C ASP A 174 -30.07 -11.25 17.46
N PRO A 175 -29.72 -12.19 18.32
CA PRO A 175 -28.95 -11.70 19.46
C PRO A 175 -27.56 -11.42 19.03
N TYR A 176 -26.78 -12.46 18.87
CA TYR A 176 -25.40 -12.28 18.50
C TYR A 176 -25.24 -12.25 17.01
N SER A 177 -25.08 -11.06 16.44
CA SER A 177 -24.84 -10.96 15.03
C SER A 177 -24.11 -9.67 14.77
N PHE A 178 -22.83 -9.76 14.44
CA PHE A 178 -22.07 -8.58 14.11
C PHE A 178 -22.95 -8.01 13.08
N GLY A 179 -23.53 -6.88 13.38
CA GLY A 179 -24.44 -6.29 12.44
C GLY A 179 -25.18 -5.40 13.35
N ARG A 180 -25.44 -5.92 14.53
CA ARG A 180 -26.16 -5.13 15.45
C ARG A 180 -25.21 -4.02 15.78
N THR A 181 -23.92 -4.28 15.65
CA THR A 181 -22.95 -3.28 16.01
C THR A 181 -22.60 -2.42 14.84
N THR A 182 -22.87 -2.89 13.63
CA THR A 182 -22.49 -2.13 12.47
C THR A 182 -23.57 -1.17 12.06
N ILE A 183 -23.76 -0.97 10.77
CA ILE A 183 -24.85 -0.12 10.35
C ILE A 183 -26.11 -0.91 10.02
N ALA A 184 -26.97 -1.05 11.03
CA ALA A 184 -28.23 -1.72 10.85
C ALA A 184 -29.01 -0.71 11.62
N ASN A 185 -28.94 0.53 11.19
CA ASN A 185 -29.59 1.60 11.89
C ASN A 185 -30.77 1.98 11.08
N LEU A 186 -31.73 1.09 10.94
CA LEU A 186 -32.92 1.35 10.13
C LEU A 186 -32.50 1.89 8.81
N GLN A 187 -33.34 2.70 8.21
CA GLN A 187 -32.98 3.30 6.96
C GLN A 187 -33.24 4.70 7.28
N THR A 188 -34.36 5.18 6.82
CA THR A 188 -34.74 6.51 7.18
C THR A 188 -35.35 6.37 8.53
N ASP A 189 -36.03 7.40 9.01
CA ASP A 189 -36.62 7.39 10.34
C ASP A 189 -35.55 7.48 11.43
N ASN A 190 -34.54 6.62 11.37
CA ASN A 190 -33.48 6.71 12.34
C ASN A 190 -32.74 7.97 12.04
N ASP A 191 -33.02 9.00 12.81
CA ASP A 191 -32.39 10.27 12.61
C ASP A 191 -30.94 10.11 12.94
N LEU A 192 -30.63 9.06 13.67
CA LEU A 192 -29.27 8.87 14.10
C LEU A 192 -28.34 8.59 12.95
N LEU A 193 -28.84 8.40 11.74
CA LEU A 193 -27.94 8.09 10.67
C LEU A 193 -27.25 9.35 10.23
N TRP A 194 -27.73 10.49 10.70
CA TRP A 194 -27.03 11.71 10.39
C TRP A 194 -25.78 11.70 11.23
N LEU A 195 -25.89 11.26 12.48
CA LEU A 195 -24.75 11.28 13.39
C LEU A 195 -23.52 10.71 12.76
N HIS A 196 -23.65 9.62 12.03
CA HIS A 196 -22.51 9.00 11.41
C HIS A 196 -21.71 10.00 10.59
N THR A 197 -22.38 10.73 9.72
CA THR A 197 -21.68 11.72 8.94
C THR A 197 -21.03 12.78 9.80
N ILE A 198 -21.71 13.27 10.82
CA ILE A 198 -21.14 14.33 11.64
C ILE A 198 -19.97 13.79 12.42
N PHE A 199 -19.94 12.50 12.68
CA PHE A 199 -18.79 11.97 13.36
C PHE A 199 -17.69 11.67 12.39
N ALA A 200 -18.02 11.45 11.13
CA ALA A 200 -16.96 11.25 10.18
C ALA A 200 -16.20 12.54 10.00
N VAL A 201 -16.88 13.66 10.07
CA VAL A 201 -16.20 14.90 9.83
C VAL A 201 -15.35 15.12 11.04
N ILE A 202 -15.81 14.69 12.19
CA ILE A 202 -14.95 14.82 13.33
C ILE A 202 -13.69 14.04 13.03
N TYR A 203 -13.76 12.91 12.35
CA TYR A 203 -12.53 12.16 12.14
C TYR A 203 -11.61 12.83 11.13
N LEU A 204 -12.09 13.46 10.08
CA LEU A 204 -11.16 14.16 9.19
C LEU A 204 -10.53 15.35 9.87
N PHE A 205 -11.32 16.11 10.59
CA PHE A 205 -10.76 17.23 11.29
C PHE A 205 -9.75 16.69 12.26
N LEU A 206 -9.99 15.52 12.82
CA LEU A 206 -9.08 15.01 13.81
C LEU A 206 -7.82 14.54 13.14
N THR A 207 -7.92 13.93 11.97
CA THR A 207 -6.68 13.46 11.40
C THR A 207 -5.92 14.60 10.78
N VAL A 208 -6.60 15.65 10.32
CA VAL A 208 -5.86 16.79 9.80
C VAL A 208 -5.06 17.29 10.95
N GLY A 209 -5.70 17.43 12.07
CA GLY A 209 -5.02 17.92 13.24
C GLY A 209 -3.90 17.06 13.76
N PHE A 210 -4.16 15.80 14.03
CA PHE A 210 -3.13 15.01 14.63
C PHE A 210 -2.01 14.83 13.65
N MET A 211 -2.28 14.88 12.36
CA MET A 211 -1.17 14.77 11.43
C MET A 211 -0.39 16.06 11.35
N ARG A 212 -1.04 17.19 11.55
CA ARG A 212 -0.30 18.43 11.55
C ARG A 212 0.71 18.42 12.65
N HIS A 213 0.33 17.98 13.83
CA HIS A 213 1.30 17.89 14.90
C HIS A 213 2.52 17.15 14.38
N HIS A 214 2.32 16.05 13.66
CA HIS A 214 3.45 15.28 13.17
C HIS A 214 4.23 16.10 12.20
N THR A 215 3.58 16.86 11.34
CA THR A 215 4.32 17.59 10.33
C THR A 215 4.88 18.86 10.88
N GLN A 216 4.74 19.09 12.19
CA GLN A 216 5.34 20.24 12.80
C GLN A 216 6.44 19.67 13.61
N SER A 217 6.99 18.57 13.16
CA SER A 217 8.10 17.97 13.85
C SER A 217 9.05 17.46 12.82
N ILE A 218 8.54 17.02 11.70
CA ILE A 218 9.45 16.63 10.65
C ILE A 218 9.96 17.90 10.03
N LYS A 219 11.14 18.31 10.45
CA LYS A 219 11.72 19.55 9.96
C LYS A 219 12.20 19.48 8.54
N TYR A 220 11.47 20.08 7.62
CA TYR A 220 11.96 20.14 6.26
C TYR A 220 13.25 20.89 6.43
N LYS A 221 14.38 20.28 6.08
CA LYS A 221 15.66 20.92 6.32
C LYS A 221 16.09 21.96 5.29
N GLU A 222 15.20 22.88 4.93
CA GLU A 222 15.53 23.95 3.98
C GLU A 222 16.31 23.45 2.78
N GLU A 223 15.84 22.37 2.18
CA GLU A 223 16.50 21.84 1.01
C GLU A 223 15.72 22.29 -0.21
N ASN A 224 16.03 21.74 -1.37
CA ASN A 224 15.28 22.08 -2.57
C ASN A 224 13.99 21.26 -2.63
N ILE A 232 21.04 27.56 -8.13
CA ILE A 232 20.10 26.72 -7.38
C ILE A 232 19.75 25.53 -8.23
N THR A 233 20.48 24.43 -8.09
CA THR A 233 20.26 23.28 -8.96
C THR A 233 20.09 23.80 -10.37
N GLY A 234 21.03 24.63 -10.81
CA GLY A 234 20.95 25.22 -12.13
C GLY A 234 21.20 24.22 -13.23
N LEU A 235 20.22 23.40 -13.52
CA LEU A 235 20.38 22.40 -14.53
C LEU A 235 19.04 22.09 -15.14
N PRO A 236 18.52 22.98 -15.98
CA PRO A 236 17.22 22.59 -16.52
C PRO A 236 17.27 21.45 -17.54
N ARG A 237 16.23 20.62 -17.61
CA ARG A 237 16.18 19.52 -18.56
C ARG A 237 15.40 19.92 -19.79
N ASP A 238 15.02 18.96 -20.62
CA ASP A 238 14.21 19.26 -21.78
C ASP A 238 13.62 17.99 -22.35
N ALA A 239 13.15 18.03 -23.60
CA ALA A 239 12.62 16.85 -24.26
C ALA A 239 12.52 17.14 -25.75
N ARG A 240 13.43 17.95 -26.29
CA ARG A 240 13.33 18.39 -27.69
C ARG A 240 13.56 17.46 -28.83
N LYS A 241 13.92 18.05 -29.97
CA LYS A 241 14.10 17.25 -31.15
C LYS A 241 15.47 16.66 -31.27
N GLU A 242 15.56 15.55 -31.98
CA GLU A 242 16.84 14.91 -32.19
C GLU A 242 17.62 15.79 -33.14
N THR A 243 18.88 15.47 -33.37
CA THR A 243 19.75 16.29 -34.22
C THR A 243 20.13 17.67 -33.71
N VAL A 244 21.33 18.13 -34.06
CA VAL A 244 21.81 19.45 -33.65
C VAL A 244 22.07 19.67 -32.16
N GLU A 245 22.95 20.61 -31.84
CA GLU A 245 23.30 20.84 -30.45
C GLU A 245 23.62 22.28 -30.16
N SER A 246 24.44 22.90 -31.00
CA SER A 246 24.85 24.27 -30.77
C SER A 246 23.73 25.25 -31.05
N HIS A 247 22.65 24.76 -31.63
CA HIS A 247 21.52 25.63 -31.87
C HIS A 247 20.81 25.76 -30.55
N PHE A 248 20.99 24.76 -29.70
CA PHE A 248 20.42 24.84 -28.37
C PHE A 248 21.40 25.66 -27.59
N ARG A 249 22.65 25.66 -28.03
CA ARG A 249 23.62 26.53 -27.39
C ARG A 249 23.49 27.89 -28.02
N ASP A 250 22.27 28.26 -28.39
CA ASP A 250 22.03 29.57 -28.97
C ASP A 250 20.68 30.04 -28.44
N ALA A 251 19.71 29.16 -28.47
CA ALA A 251 18.38 29.52 -28.02
C ALA A 251 18.33 29.47 -26.52
N TYR A 252 19.03 28.51 -25.93
CA TYR A 252 19.10 28.48 -24.49
C TYR A 252 19.69 29.78 -23.99
N PRO A 253 20.75 30.29 -24.67
CA PRO A 253 21.21 31.62 -24.26
C PRO A 253 20.15 32.72 -24.22
N THR A 254 19.10 32.64 -25.03
CA THR A 254 18.06 33.67 -25.07
C THR A 254 18.67 35.04 -24.99
N CYS A 255 18.49 35.69 -23.85
CA CYS A 255 19.08 37.00 -23.65
C CYS A 255 19.29 37.11 -22.16
N GLU A 256 20.33 37.84 -21.75
CA GLU A 256 20.62 38.02 -20.33
C GLU A 256 20.56 36.73 -19.52
N VAL A 257 21.19 35.68 -20.03
CA VAL A 257 21.18 34.40 -19.33
C VAL A 257 22.58 33.79 -19.38
N VAL A 258 23.09 33.38 -18.23
CA VAL A 258 24.43 32.80 -18.17
C VAL A 258 24.44 31.29 -18.04
N ASP A 259 24.43 30.59 -19.17
CA ASP A 259 24.49 29.14 -19.14
C ASP A 259 25.91 28.73 -18.96
N VAL A 260 26.11 27.49 -18.55
CA VAL A 260 27.45 26.98 -18.42
C VAL A 260 27.64 25.95 -19.50
N GLN A 261 26.79 24.93 -19.52
CA GLN A 261 26.97 23.86 -20.47
C GLN A 261 25.66 23.37 -21.02
N LEU A 262 25.70 22.22 -21.68
CA LEU A 262 24.50 21.65 -22.22
C LEU A 262 24.42 20.18 -21.97
N CYS A 263 25.09 19.38 -22.81
CA CYS A 263 25.02 17.93 -22.72
C CYS A 263 23.70 17.40 -23.21
N TYR A 264 23.71 16.73 -24.35
CA TYR A 264 22.49 16.24 -24.95
C TYR A 264 22.42 14.76 -24.71
N ASN A 265 21.48 14.31 -23.87
CA ASN A 265 21.40 12.91 -23.50
C ASN A 265 21.38 11.92 -24.64
N VAL A 266 21.96 10.75 -24.39
CA VAL A 266 22.00 9.72 -25.42
C VAL A 266 21.46 8.42 -24.85
N ALA A 267 22.04 7.26 -25.16
CA ALA A 267 21.44 5.98 -24.72
C ALA A 267 21.95 5.20 -23.53
N LYS A 268 21.69 3.90 -23.53
CA LYS A 268 22.02 3.09 -22.35
C LYS A 268 22.43 1.63 -22.51
N LEU A 269 22.62 1.14 -23.72
CA LEU A 269 23.10 -0.21 -23.89
C LEU A 269 24.40 -0.34 -23.15
N ILE A 270 25.23 0.68 -23.26
CA ILE A 270 26.49 0.67 -22.55
C ILE A 270 26.25 0.50 -21.09
N TYR A 271 25.30 1.26 -20.54
CA TYR A 271 25.11 1.19 -19.10
C TYR A 271 24.87 -0.24 -18.72
N LEU A 272 24.07 -0.93 -19.49
CA LEU A 272 23.82 -2.33 -19.22
C LEU A 272 25.10 -3.12 -19.21
N CYS A 273 25.86 -3.05 -20.29
CA CYS A 273 27.07 -3.84 -20.38
C CYS A 273 28.00 -3.53 -19.26
N LYS A 274 28.10 -2.28 -18.89
CA LYS A 274 29.05 -1.91 -17.86
C LYS A 274 28.75 -2.60 -16.58
N GLU A 275 27.51 -2.49 -16.13
CA GLU A 275 27.21 -3.08 -14.84
C GLU A 275 27.36 -4.58 -14.94
N LYS A 276 27.01 -5.13 -16.09
CA LYS A 276 27.13 -6.55 -16.29
C LYS A 276 28.59 -6.95 -16.29
N LYS A 277 29.42 -6.20 -16.98
CA LYS A 277 30.85 -6.49 -17.03
C LYS A 277 31.49 -6.30 -15.68
N LYS A 278 30.99 -5.37 -14.88
CA LYS A 278 31.61 -5.12 -13.61
C LYS A 278 31.25 -6.24 -12.69
N THR A 279 30.02 -6.72 -12.78
CA THR A 279 29.63 -7.85 -11.97
C THR A 279 30.31 -9.10 -12.51
N GLU A 280 30.46 -9.17 -13.82
CA GLU A 280 31.14 -10.31 -14.40
C GLU A 280 32.57 -10.22 -13.97
N LYS A 281 33.11 -9.01 -13.94
CA LYS A 281 34.47 -8.83 -13.49
C LYS A 281 34.56 -9.33 -12.07
N SER A 282 33.62 -8.93 -11.23
CA SER A 282 33.62 -9.40 -9.86
C SER A 282 33.77 -10.89 -9.84
N LEU A 283 33.00 -11.56 -10.69
CA LEU A 283 33.07 -13.01 -10.74
C LEU A 283 34.39 -13.50 -11.30
N THR A 284 34.64 -13.24 -12.58
CA THR A 284 35.88 -13.73 -13.20
C THR A 284 37.12 -13.37 -12.42
N TYR A 285 37.05 -12.33 -11.61
CA TYR A 285 38.18 -12.02 -10.76
C TYR A 285 38.07 -12.89 -9.54
N TYR A 286 37.28 -12.47 -8.56
CA TYR A 286 37.20 -13.22 -7.30
C TYR A 286 37.12 -14.74 -7.41
N THR A 287 36.28 -15.27 -8.30
CA THR A 287 36.12 -16.72 -8.35
C THR A 287 37.20 -17.46 -9.11
N ASN A 288 38.37 -16.84 -9.28
CA ASN A 288 39.47 -17.56 -9.90
C ASN A 288 40.30 -18.06 -8.75
N LEU A 289 39.84 -17.79 -7.54
CA LEU A 289 40.53 -18.28 -6.36
C LEU A 289 40.18 -19.73 -6.12
N GLN A 290 39.02 -19.99 -5.53
CA GLN A 290 38.56 -21.36 -5.26
C GLN A 290 39.61 -22.25 -4.60
N VAL A 291 40.33 -23.04 -5.41
CA VAL A 291 41.35 -23.92 -4.86
C VAL A 291 42.61 -23.17 -4.47
N LYS A 292 42.53 -22.36 -3.42
CA LYS A 292 43.68 -21.59 -2.96
C LYS A 292 44.54 -21.03 -4.08
N THR A 293 43.92 -20.27 -4.98
CA THR A 293 44.67 -19.68 -6.07
C THR A 293 44.77 -18.18 -5.89
N GLY A 294 43.83 -17.44 -6.48
CA GLY A 294 43.84 -16.00 -6.37
C GLY A 294 42.79 -15.35 -7.24
N GLN A 295 42.21 -14.26 -6.76
CA GLN A 295 41.22 -13.54 -7.55
C GLN A 295 41.83 -13.01 -8.84
N ALA A 320 32.17 -26.45 -8.69
CA ALA A 320 33.07 -27.58 -8.63
C ALA A 320 34.45 -27.20 -9.13
N ILE A 321 35.35 -28.18 -9.22
CA ILE A 321 36.69 -27.91 -9.71
C ILE A 321 36.65 -27.69 -11.21
N SER A 322 35.75 -28.36 -11.90
CA SER A 322 35.61 -28.15 -13.34
C SER A 322 35.03 -26.77 -13.56
N TYR A 323 34.20 -26.32 -12.62
CA TYR A 323 33.65 -24.98 -12.73
C TYR A 323 34.78 -24.00 -12.48
N TYR A 324 35.69 -24.33 -11.58
CA TYR A 324 36.83 -23.47 -11.33
C TYR A 324 37.72 -23.43 -12.57
N THR A 325 37.80 -24.53 -13.30
CA THR A 325 38.60 -24.56 -14.53
C THR A 325 37.82 -24.00 -15.72
N ARG A 326 36.59 -23.58 -15.49
CA ARG A 326 35.83 -22.95 -16.57
C ARG A 326 35.54 -21.52 -16.13
N MET A 327 35.94 -21.19 -14.90
CA MET A 327 35.73 -19.84 -14.39
C MET A 327 36.69 -18.87 -15.05
N LYS A 328 37.81 -19.39 -15.54
CA LYS A 328 38.75 -18.55 -16.23
C LYS A 328 38.25 -18.31 -17.65
N ASP A 329 37.44 -19.22 -18.18
CA ASP A 329 36.88 -19.04 -19.51
C ASP A 329 35.66 -18.13 -19.40
N ARG A 330 35.06 -18.10 -18.23
CA ARG A 330 33.95 -17.19 -18.01
C ARG A 330 34.59 -15.85 -17.80
N LEU A 331 35.79 -15.84 -17.24
CA LEU A 331 36.53 -14.59 -17.09
C LEU A 331 36.86 -14.17 -18.50
N LEU A 332 37.23 -15.13 -19.34
CA LEU A 332 37.50 -14.81 -20.72
C LEU A 332 36.28 -14.14 -21.30
N GLU A 333 35.13 -14.76 -21.15
CA GLU A 333 33.90 -14.20 -21.68
C GLU A 333 33.79 -12.72 -21.37
N ARG A 334 33.90 -12.37 -20.09
CA ARG A 334 33.86 -10.98 -19.71
C ARG A 334 34.87 -10.18 -20.50
N ILE A 335 36.15 -10.51 -20.33
CA ILE A 335 37.20 -9.72 -20.96
C ILE A 335 37.24 -9.78 -22.49
N THR A 336 36.40 -10.60 -23.10
CA THR A 336 36.36 -10.65 -24.55
C THR A 336 35.05 -10.15 -25.06
N GLU A 337 34.01 -10.97 -24.91
CA GLU A 337 32.70 -10.60 -25.40
C GLU A 337 32.28 -9.26 -24.83
N GLU A 338 32.02 -9.21 -23.54
CA GLU A 338 31.54 -7.98 -22.95
C GLU A 338 32.48 -6.82 -23.18
N GLU A 339 33.78 -7.08 -23.16
CA GLU A 339 34.72 -5.99 -23.31
C GLU A 339 34.56 -5.36 -24.67
N ARG A 340 34.59 -6.20 -25.70
CA ARG A 340 34.40 -5.70 -27.04
C ARG A 340 33.04 -5.07 -27.11
N HIS A 341 32.06 -5.71 -26.49
CA HIS A 341 30.72 -5.19 -26.53
C HIS A 341 30.70 -3.80 -25.96
N VAL A 342 31.37 -3.62 -24.83
CA VAL A 342 31.41 -2.32 -24.20
C VAL A 342 31.85 -1.30 -25.23
N GLN A 343 33.01 -1.49 -25.83
CA GLN A 343 33.53 -0.51 -26.78
C GLN A 343 32.62 -0.30 -28.00
N ASP A 344 31.94 -1.36 -28.42
CA ASP A 344 31.06 -1.24 -29.57
C ASP A 344 29.86 -0.35 -29.26
N GLN A 345 29.61 -0.10 -27.98
CA GLN A 345 28.53 0.82 -27.67
C GLN A 345 28.94 2.25 -27.87
N PRO A 346 30.14 2.66 -27.41
CA PRO A 346 30.53 4.01 -27.77
C PRO A 346 30.46 4.18 -29.26
N LEU A 347 30.68 3.11 -30.02
CA LEU A 347 30.52 3.22 -31.45
C LEU A 347 29.15 3.81 -31.74
N GLY A 348 28.11 3.25 -31.14
CA GLY A 348 26.77 3.72 -31.40
C GLY A 348 26.24 4.88 -30.57
N MET A 349 26.98 5.32 -29.56
CA MET A 349 26.49 6.38 -28.68
C MET A 349 26.02 7.58 -29.45
N ALA A 350 26.91 8.18 -30.22
CA ALA A 350 26.58 9.38 -30.95
C ALA A 350 25.35 9.22 -31.82
N PHE A 351 25.11 8.02 -32.32
CA PHE A 351 24.00 7.82 -33.22
C PHE A 351 22.68 8.15 -32.56
N VAL A 352 22.40 7.52 -31.42
CA VAL A 352 21.13 7.76 -30.74
C VAL A 352 21.01 9.21 -30.28
N THR A 353 19.80 9.73 -30.28
CA THR A 353 19.59 11.10 -29.86
C THR A 353 18.25 11.17 -29.19
N PHE A 354 18.10 12.03 -28.19
CA PHE A 354 16.85 12.06 -27.45
C PHE A 354 16.44 13.46 -27.08
N GLN A 355 16.88 13.92 -25.91
CA GLN A 355 16.51 15.23 -25.41
C GLN A 355 17.79 15.87 -24.94
N GLU A 356 17.70 16.86 -24.06
CA GLU A 356 18.90 17.56 -23.59
C GLU A 356 18.83 18.22 -22.23
N LYS A 357 19.90 18.10 -21.46
CA LYS A 357 19.96 18.78 -20.18
C LYS A 357 20.67 20.06 -20.49
N SER A 358 20.81 20.94 -19.53
CA SER A 358 21.44 22.23 -19.76
C SER A 358 21.88 22.73 -18.43
N MET A 359 22.98 23.49 -18.38
CA MET A 359 23.48 23.93 -17.10
C MET A 359 23.35 25.41 -16.94
N ALA A 360 22.22 25.96 -17.36
CA ALA A 360 21.98 27.38 -17.16
C ALA A 360 22.05 27.58 -15.68
N THR A 361 23.13 28.17 -15.18
CA THR A 361 23.31 28.30 -13.74
C THR A 361 22.67 29.53 -13.15
N TYR A 362 23.33 30.11 -12.14
CA TYR A 362 22.81 31.30 -11.48
C TYR A 362 21.38 31.12 -10.98
N ILE A 363 20.50 32.07 -11.29
CA ILE A 363 19.13 32.00 -10.80
C ILE A 363 18.17 32.19 -11.94
N LEU A 364 18.70 32.26 -13.15
CA LEU A 364 17.86 32.47 -14.32
C LEU A 364 17.12 31.20 -14.61
N LYS A 365 17.51 30.13 -13.94
CA LYS A 365 16.84 28.87 -14.11
C LYS A 365 15.38 29.12 -14.04
N ASP A 366 14.96 29.75 -12.96
CA ASP A 366 13.57 30.04 -12.78
C ASP A 366 13.00 30.69 -14.01
N PHE A 367 13.61 31.78 -14.44
CA PHE A 367 13.07 32.51 -15.59
C PHE A 367 12.79 31.57 -16.75
N ASN A 368 13.78 30.78 -17.13
CA ASN A 368 13.61 29.91 -18.27
C ASN A 368 12.53 28.87 -18.02
N ALA A 369 12.54 28.24 -16.84
CA ALA A 369 11.57 27.19 -16.56
C ALA A 369 10.19 27.78 -16.59
N CYS A 370 10.07 29.03 -16.16
CA CYS A 370 8.79 29.69 -16.18
C CYS A 370 8.36 30.01 -17.60
N LYS A 371 9.30 30.55 -18.39
CA LYS A 371 8.99 30.90 -19.76
C LYS A 371 8.46 29.68 -20.44
N CYS A 372 9.17 28.58 -20.28
CA CYS A 372 8.71 27.36 -20.86
C CYS A 372 7.94 26.56 -19.81
N GLN A 382 9.85 31.67 -23.66
CA GLN A 382 9.45 30.84 -24.77
C GLN A 382 9.91 31.33 -26.14
N PRO A 383 9.67 32.62 -26.46
CA PRO A 383 10.05 33.00 -27.82
C PRO A 383 11.49 33.42 -27.95
N SER A 384 11.81 34.62 -27.48
CA SER A 384 13.17 35.14 -27.57
C SER A 384 13.86 34.83 -28.89
N SER A 385 14.88 33.99 -28.87
CA SER A 385 15.64 33.68 -30.09
C SER A 385 14.89 32.83 -31.10
N HIS A 386 14.01 33.47 -31.87
CA HIS A 386 13.24 32.74 -32.86
C HIS A 386 14.11 32.27 -34.00
N SER A 387 15.23 32.95 -34.21
CA SER A 387 16.15 32.53 -35.26
C SER A 387 16.47 31.08 -35.01
N ARG A 388 16.66 30.74 -33.74
CA ARG A 388 16.94 29.37 -33.40
C ARG A 388 15.70 28.76 -32.77
N GLU A 389 14.68 28.54 -33.58
CA GLU A 389 13.47 27.92 -33.08
C GLU A 389 12.93 26.96 -34.11
N LEU A 390 13.79 26.10 -34.62
CA LEU A 390 13.35 25.12 -35.58
C LEU A 390 12.41 24.18 -34.86
N TYR A 391 12.78 23.76 -33.66
CA TYR A 391 11.97 22.80 -32.93
C TYR A 391 11.30 23.48 -31.77
N THR A 392 11.59 24.75 -31.57
CA THR A 392 10.95 25.54 -30.51
C THR A 392 10.86 24.91 -29.16
N SER A 393 11.75 23.96 -28.85
CA SER A 393 11.65 23.21 -27.60
C SER A 393 10.20 23.11 -27.19
N LYS A 394 9.35 22.63 -28.08
CA LYS A 394 7.94 22.50 -27.80
C LYS A 394 7.76 21.35 -26.86
N TRP A 395 8.60 21.27 -25.85
CA TRP A 395 8.54 20.18 -24.92
C TRP A 395 8.82 20.71 -23.56
N THR A 396 8.51 19.93 -22.55
CA THR A 396 8.66 20.41 -21.21
C THR A 396 10.05 20.73 -20.82
N VAL A 397 10.25 21.80 -20.09
CA VAL A 397 11.56 22.09 -19.56
C VAL A 397 11.21 21.98 -18.10
N THR A 398 11.75 20.99 -17.41
CA THR A 398 11.34 20.77 -16.04
C THR A 398 12.43 20.78 -15.03
N PHE A 399 12.86 21.96 -14.60
CA PHE A 399 13.95 22.09 -13.64
C PHE A 399 14.99 21.01 -13.76
N ALA A 400 15.35 20.38 -12.65
CA ALA A 400 16.43 19.42 -12.73
C ALA A 400 16.10 18.07 -12.20
N ALA A 401 17.12 17.33 -11.80
CA ALA A 401 16.92 16.01 -11.28
C ALA A 401 18.14 15.68 -10.49
N ASP A 402 19.18 16.50 -10.61
CA ASP A 402 20.46 16.28 -9.92
C ASP A 402 21.17 15.04 -10.43
N PRO A 403 22.24 15.22 -11.22
CA PRO A 403 22.98 14.10 -11.82
C PRO A 403 23.01 12.81 -11.05
N GLU A 404 23.16 12.84 -9.75
CA GLU A 404 23.28 11.60 -9.03
C GLU A 404 22.07 10.73 -9.26
N ASP A 405 20.90 11.34 -9.29
CA ASP A 405 19.69 10.58 -9.45
C ASP A 405 19.42 10.16 -10.87
N ILE A 406 18.96 11.08 -11.70
CA ILE A 406 18.58 10.76 -13.07
C ILE A 406 18.99 9.43 -13.62
N CYS A 407 18.06 8.50 -13.67
CA CYS A 407 18.34 7.17 -14.17
C CYS A 407 18.61 7.30 -15.62
N TRP A 408 19.87 7.40 -15.99
CA TRP A 408 20.17 7.62 -17.37
C TRP A 408 19.73 6.45 -18.19
N LYS A 409 19.71 5.30 -17.56
CA LYS A 409 19.31 4.10 -18.27
C LYS A 409 17.92 4.24 -18.77
N ASN A 410 17.01 4.63 -17.89
CA ASN A 410 15.63 4.65 -18.28
C ASN A 410 15.17 5.91 -18.98
N LEU A 411 15.97 6.49 -19.86
CA LEU A 411 15.47 7.61 -20.63
C LEU A 411 14.95 6.92 -21.85
N SER A 412 13.86 6.15 -21.70
CA SER A 412 13.27 5.36 -22.79
C SER A 412 13.33 6.08 -24.07
N ILE A 413 12.27 6.82 -24.36
CA ILE A 413 12.23 7.62 -25.57
C ILE A 413 11.11 8.54 -25.27
N GLN A 414 10.76 8.63 -24.00
CA GLN A 414 9.75 9.54 -23.57
C GLN A 414 8.40 9.26 -24.15
N GLY A 415 7.56 10.28 -24.09
CA GLY A 415 6.25 10.20 -24.70
C GLY A 415 5.50 8.94 -24.94
N LEU A 416 5.07 8.73 -26.18
CA LEU A 416 4.26 7.58 -26.49
C LEU A 416 4.76 6.37 -25.84
N ARG A 417 5.92 5.88 -26.23
CA ARG A 417 6.37 4.64 -25.68
C ARG A 417 6.26 4.59 -24.19
N TRP A 418 6.74 5.56 -23.44
CA TRP A 418 6.70 5.42 -21.98
C TRP A 418 5.31 5.20 -21.46
N TRP A 419 4.36 6.04 -21.83
CA TRP A 419 3.04 5.92 -21.23
C TRP A 419 2.33 4.63 -21.59
N LEU A 420 2.68 4.06 -22.73
CA LEU A 420 2.03 2.84 -23.14
C LEU A 420 2.56 1.77 -22.24
N GLN A 421 3.84 1.87 -21.91
CA GLN A 421 4.42 0.87 -21.05
C GLN A 421 3.73 1.03 -19.75
N TRP A 422 3.58 2.25 -19.29
CA TRP A 422 2.97 2.48 -18.00
C TRP A 422 1.63 1.85 -18.04
N LEU A 423 0.85 2.11 -19.08
CA LEU A 423 -0.50 1.59 -19.14
C LEU A 423 -0.43 0.11 -18.97
N GLY A 424 0.27 -0.58 -19.85
CA GLY A 424 0.42 -2.02 -19.69
C GLY A 424 0.72 -2.47 -18.29
N ILE A 425 1.79 -1.97 -17.70
CA ILE A 425 2.17 -2.42 -16.40
C ILE A 425 1.05 -2.20 -15.40
N ASN A 426 0.55 -0.99 -15.29
CA ASN A 426 -0.47 -0.75 -14.29
C ASN A 426 -1.71 -1.62 -14.52
N PHE A 427 -2.10 -1.86 -15.77
CA PHE A 427 -3.24 -2.71 -16.06
C PHE A 427 -3.02 -4.17 -15.69
N THR A 428 -1.84 -4.71 -15.94
CA THR A 428 -1.60 -6.07 -15.51
C THR A 428 -1.64 -6.09 -13.99
N LEU A 429 -1.10 -5.07 -13.36
CA LEU A 429 -1.07 -5.11 -11.92
C LEU A 429 -2.49 -5.08 -11.40
N PHE A 430 -3.38 -4.37 -12.08
CA PHE A 430 -4.76 -4.25 -11.63
C PHE A 430 -5.50 -5.55 -11.84
N LEU A 431 -5.23 -6.23 -12.93
CA LEU A 431 -5.86 -7.51 -13.13
C LEU A 431 -5.38 -8.48 -12.06
N GLY A 432 -4.14 -8.33 -11.64
CA GLY A 432 -3.65 -9.18 -10.57
C GLY A 432 -4.35 -8.89 -9.27
N LEU A 433 -4.53 -7.61 -8.99
CA LEU A 433 -5.24 -7.25 -7.78
C LEU A 433 -6.55 -7.99 -7.86
N PHE A 434 -7.24 -7.89 -8.99
CA PHE A 434 -8.53 -8.53 -9.10
C PHE A 434 -8.37 -9.97 -8.74
N PHE A 435 -7.59 -10.74 -9.46
CA PHE A 435 -7.36 -12.12 -9.04
C PHE A 435 -7.23 -12.33 -7.53
N LEU A 436 -6.23 -11.76 -6.90
CA LEU A 436 -6.10 -12.07 -5.47
C LEU A 436 -7.37 -11.73 -4.62
N THR A 437 -7.82 -10.49 -4.76
CA THR A 437 -8.99 -10.10 -4.00
C THR A 437 -10.13 -11.06 -4.24
N THR A 438 -10.37 -11.45 -5.47
CA THR A 438 -11.42 -12.41 -5.79
C THR A 438 -11.23 -13.67 -5.03
N PRO A 439 -10.14 -14.42 -5.27
CA PRO A 439 -10.06 -15.52 -4.32
C PRO A 439 -10.44 -15.25 -2.90
N SER A 440 -9.85 -14.28 -2.24
CA SER A 440 -10.30 -14.14 -0.84
C SER A 440 -11.80 -13.88 -0.62
N ILE A 441 -12.37 -12.93 -1.35
CA ILE A 441 -13.81 -12.64 -1.25
C ILE A 441 -14.68 -13.85 -1.49
N ILE A 442 -14.32 -14.68 -2.47
CA ILE A 442 -15.19 -15.81 -2.74
C ILE A 442 -14.99 -16.83 -1.67
N LEU A 443 -13.79 -17.01 -1.14
CA LEU A 443 -13.69 -17.96 -0.05
C LEU A 443 -14.65 -17.49 0.98
N SER A 444 -14.60 -16.21 1.30
CA SER A 444 -15.46 -15.68 2.36
C SER A 444 -16.96 -15.85 2.15
N THR A 445 -17.43 -15.73 0.92
CA THR A 445 -18.86 -15.96 0.74
C THR A 445 -19.28 -17.35 0.23
N MET A 446 -18.33 -18.27 0.17
CA MET A 446 -18.60 -19.61 -0.34
C MET A 446 -19.56 -20.40 0.50
N ASP A 447 -20.32 -19.74 1.33
CA ASP A 447 -21.37 -20.44 2.02
C ASP A 447 -22.66 -19.73 1.82
N LYS A 448 -22.61 -18.41 1.86
CA LYS A 448 -23.82 -17.64 1.76
C LYS A 448 -24.30 -17.45 0.36
N PHE A 449 -24.15 -18.43 -0.50
CA PHE A 449 -24.70 -18.27 -1.83
C PHE A 449 -26.17 -18.67 -1.84
N ASN A 450 -26.46 -19.96 -1.92
CA ASN A 450 -27.84 -20.44 -1.82
C ASN A 450 -28.44 -19.85 -0.57
N VAL A 451 -29.12 -18.73 -0.68
CA VAL A 451 -29.61 -18.05 0.51
C VAL A 451 -30.85 -18.63 1.09
N THR A 452 -31.21 -19.83 0.69
CA THR A 452 -32.36 -20.44 1.27
C THR A 452 -31.94 -21.52 2.23
N LYS A 453 -30.64 -21.75 2.36
CA LYS A 453 -30.17 -22.83 3.22
C LYS A 453 -30.22 -22.41 4.66
N PRO A 454 -30.41 -23.36 5.56
CA PRO A 454 -30.53 -23.02 6.98
C PRO A 454 -29.24 -22.46 7.56
N ILE A 455 -29.32 -21.60 8.57
CA ILE A 455 -28.12 -20.98 9.17
C ILE A 455 -27.13 -22.02 9.62
N HIS A 456 -27.55 -23.26 9.76
CA HIS A 456 -26.65 -24.32 10.11
C HIS A 456 -25.48 -24.30 9.15
N ALA A 457 -25.74 -24.33 7.85
CA ALA A 457 -24.66 -24.44 6.89
C ALA A 457 -23.91 -23.17 6.56
N LEU A 458 -23.26 -22.56 7.54
CA LEU A 458 -22.60 -21.30 7.29
C LEU A 458 -21.09 -21.42 7.30
N ASN A 459 -20.56 -22.64 7.42
CA ASN A 459 -19.11 -22.87 7.48
C ASN A 459 -18.46 -22.35 8.76
N ASN A 460 -17.57 -23.12 9.34
CA ASN A 460 -16.94 -22.71 10.58
C ASN A 460 -16.34 -21.36 10.36
N PRO A 461 -16.35 -20.52 11.38
CA PRO A 461 -15.70 -19.25 11.12
C PRO A 461 -14.24 -19.36 10.65
N ILE A 462 -13.57 -20.49 10.82
CA ILE A 462 -12.17 -20.58 10.43
C ILE A 462 -12.03 -21.01 8.99
N ILE A 463 -13.08 -20.87 8.18
CA ILE A 463 -12.98 -21.17 6.77
C ILE A 463 -13.82 -20.16 6.07
N SER A 464 -14.17 -19.12 6.80
CA SER A 464 -14.97 -18.08 6.22
C SER A 464 -14.51 -16.76 6.76
N GLN A 465 -13.81 -16.75 7.89
CA GLN A 465 -13.40 -15.51 8.48
C GLN A 465 -11.95 -15.47 8.92
N PHE A 466 -11.27 -16.61 9.04
CA PHE A 466 -9.84 -16.58 9.33
C PHE A 466 -9.12 -16.83 8.05
N PHE A 467 -9.32 -17.98 7.44
CA PHE A 467 -8.59 -18.28 6.23
C PHE A 467 -8.74 -17.22 5.17
N PRO A 468 -9.93 -16.69 4.96
CA PRO A 468 -9.98 -15.63 3.98
C PRO A 468 -9.08 -14.50 4.34
N THR A 469 -9.20 -13.94 5.51
CA THR A 469 -8.40 -12.78 5.82
C THR A 469 -6.92 -13.06 5.86
N LEU A 470 -6.51 -14.27 6.18
CA LEU A 470 -5.09 -14.60 6.14
C LEU A 470 -4.60 -14.66 4.72
N LEU A 471 -5.36 -15.23 3.81
CA LEU A 471 -4.92 -15.20 2.43
C LEU A 471 -4.81 -13.75 2.01
N LEU A 472 -5.74 -12.88 2.37
CA LEU A 472 -5.63 -11.52 1.90
C LEU A 472 -4.44 -10.85 2.52
N TRP A 473 -4.16 -11.08 3.80
CA TRP A 473 -2.94 -10.52 4.38
C TRP A 473 -1.78 -11.06 3.59
N SER A 474 -1.75 -12.35 3.33
CA SER A 474 -0.61 -12.91 2.65
C SER A 474 -0.44 -12.33 1.28
N PHE A 475 -1.48 -12.31 0.47
CA PHE A 475 -1.32 -11.84 -0.87
C PHE A 475 -1.16 -10.34 -0.84
N SER A 476 -1.26 -9.71 0.31
CA SER A 476 -1.02 -8.29 0.41
C SER A 476 0.28 -8.09 1.06
N ALA A 477 1.13 -9.07 0.94
CA ALA A 477 2.46 -8.92 1.46
C ALA A 477 3.34 -9.19 0.28
N LEU A 478 2.75 -9.70 -0.77
CA LEU A 478 3.50 -9.90 -1.96
C LEU A 478 3.41 -8.58 -2.65
N LEU A 479 2.30 -7.88 -2.49
CA LEU A 479 2.13 -6.64 -3.22
C LEU A 479 3.22 -5.63 -3.00
N PRO A 480 3.70 -5.48 -1.78
CA PRO A 480 4.81 -4.55 -1.69
C PRO A 480 5.90 -4.84 -2.70
N SER A 481 6.27 -6.09 -2.88
CA SER A 481 7.33 -6.40 -3.80
C SER A 481 6.94 -6.38 -5.24
N ILE A 482 5.81 -6.96 -5.61
CA ILE A 482 5.43 -6.87 -7.00
C ILE A 482 5.30 -5.43 -7.45
N VAL A 483 4.89 -4.52 -6.57
CA VAL A 483 4.81 -3.12 -6.94
C VAL A 483 6.20 -2.57 -7.16
N TYR A 484 7.16 -2.97 -6.35
CA TYR A 484 8.53 -2.55 -6.60
C TYR A 484 8.97 -2.99 -7.97
N TYR A 485 8.81 -4.26 -8.29
CA TYR A 485 9.30 -4.72 -9.56
C TYR A 485 8.61 -3.95 -10.64
N SER A 486 7.32 -3.74 -10.51
CA SER A 486 6.64 -2.94 -11.49
C SER A 486 7.27 -1.58 -11.65
N THR A 487 7.48 -0.87 -10.57
CA THR A 487 8.00 0.47 -10.70
C THR A 487 9.26 0.45 -11.52
N LEU A 488 10.15 -0.50 -11.25
CA LEU A 488 11.34 -0.60 -12.05
C LEU A 488 11.01 -0.71 -13.52
N LEU A 489 10.11 -1.62 -13.89
CA LEU A 489 9.80 -1.85 -15.29
C LEU A 489 8.88 -0.83 -15.88
N GLU A 490 8.90 0.39 -15.39
CA GLU A 490 8.06 1.42 -15.93
C GLU A 490 8.97 2.48 -16.43
N SER A 491 10.26 2.27 -16.28
CA SER A 491 11.23 3.26 -16.67
C SER A 491 10.90 4.60 -16.06
N HIS A 492 11.03 4.73 -14.74
CA HIS A 492 10.78 6.00 -14.10
C HIS A 492 12.07 6.73 -14.24
N TRP A 493 12.03 7.98 -14.66
CA TRP A 493 13.25 8.70 -14.93
C TRP A 493 14.10 9.03 -13.72
N THR A 494 13.55 9.73 -12.74
CA THR A 494 14.36 10.13 -11.62
C THR A 494 14.33 9.08 -10.56
N LYS A 495 15.46 8.70 -10.00
CA LYS A 495 15.50 7.64 -9.00
C LYS A 495 14.83 7.98 -7.66
N SER A 496 14.92 9.23 -7.23
CA SER A 496 14.22 9.61 -6.01
C SER A 496 12.76 9.59 -6.30
N GLY A 497 12.43 9.98 -7.52
CA GLY A 497 11.06 9.98 -7.93
C GLY A 497 10.59 8.56 -7.90
N GLU A 498 11.41 7.63 -8.35
CA GLU A 498 11.04 6.23 -8.32
C GLU A 498 10.83 5.77 -6.90
N ASN A 499 11.68 6.13 -5.97
CA ASN A 499 11.39 5.74 -4.59
C ASN A 499 10.04 6.26 -4.12
N GLN A 500 9.73 7.53 -4.38
CA GLN A 500 8.45 8.00 -3.85
C GLN A 500 7.28 7.40 -4.57
N ILE A 501 7.47 7.04 -5.82
CA ILE A 501 6.37 6.52 -6.58
C ILE A 501 6.16 5.16 -6.05
N MET A 502 7.21 4.45 -5.69
CA MET A 502 7.04 3.16 -5.09
C MET A 502 6.23 3.34 -3.86
N MET A 503 6.58 4.28 -2.99
CA MET A 503 5.70 4.39 -1.82
C MET A 503 4.26 4.64 -2.20
N THR A 504 3.98 5.60 -3.07
CA THR A 504 2.58 5.90 -3.32
C THR A 504 1.89 4.79 -3.98
N LYS A 505 2.57 3.97 -4.74
CA LYS A 505 1.90 2.95 -5.47
C LYS A 505 1.69 1.79 -4.59
N VAL A 506 2.60 1.51 -3.68
CA VAL A 506 2.28 0.43 -2.79
C VAL A 506 1.05 0.93 -2.16
N TYR A 507 1.01 2.18 -1.71
CA TYR A 507 -0.23 2.56 -1.03
C TYR A 507 -1.40 2.32 -1.89
N ILE A 508 -1.48 2.90 -3.07
CA ILE A 508 -2.68 2.78 -3.85
C ILE A 508 -3.03 1.36 -4.03
N PHE A 509 -2.13 0.52 -4.48
CA PHE A 509 -2.50 -0.84 -4.76
C PHE A 509 -2.92 -1.59 -3.54
N LEU A 510 -2.21 -1.51 -2.45
CA LEU A 510 -2.64 -2.16 -1.24
C LEU A 510 -3.99 -1.69 -0.80
N ILE A 511 -4.23 -0.35 -0.74
CA ILE A 511 -5.46 0.20 -0.18
C ILE A 511 -6.33 -0.54 -0.98
N PHE A 512 -6.25 -0.37 -2.31
CA PHE A 512 -7.15 -0.98 -3.25
C PHE A 512 -7.35 -2.31 -2.80
N MET A 513 -6.58 -3.29 -3.20
CA MET A 513 -6.87 -4.65 -2.81
C MET A 513 -7.73 -4.65 -1.60
N VAL A 514 -7.09 -4.55 -0.45
CA VAL A 514 -7.94 -4.72 0.71
C VAL A 514 -9.25 -3.97 0.72
N LEU A 515 -9.12 -2.75 1.09
CA LEU A 515 -10.36 -2.06 1.28
C LEU A 515 -11.25 -2.08 0.14
N ILE A 516 -10.74 -1.70 -0.98
CA ILE A 516 -11.68 -1.38 -2.01
C ILE A 516 -12.24 -2.50 -2.72
N LEU A 517 -11.42 -3.50 -2.81
CA LEU A 517 -11.94 -4.48 -3.68
C LEU A 517 -12.85 -5.25 -2.84
N PRO A 518 -12.38 -5.52 -1.63
CA PRO A 518 -13.41 -6.22 -0.96
C PRO A 518 -14.67 -5.45 -0.78
N SER A 519 -14.67 -4.17 -0.55
CA SER A 519 -15.88 -3.50 -0.29
C SER A 519 -16.74 -3.65 -1.48
N LEU A 520 -16.24 -3.30 -2.65
CA LEU A 520 -17.10 -3.33 -3.80
C LEU A 520 -17.61 -4.71 -4.04
N GLY A 521 -16.74 -5.68 -4.02
CA GLY A 521 -17.17 -7.00 -4.37
C GLY A 521 -18.17 -7.53 -3.42
N LEU A 522 -18.00 -7.24 -2.14
CA LEU A 522 -18.86 -7.80 -1.13
C LEU A 522 -20.20 -7.09 -1.18
N THR A 523 -20.21 -5.80 -1.46
CA THR A 523 -21.46 -5.10 -1.46
C THR A 523 -22.21 -5.56 -2.68
N SER A 524 -21.48 -5.96 -3.70
CA SER A 524 -22.15 -6.32 -4.92
C SER A 524 -22.73 -7.68 -4.68
N LEU A 525 -21.99 -8.51 -3.98
CA LEU A 525 -22.44 -9.84 -3.75
C LEU A 525 -23.63 -9.77 -2.83
N ASP A 526 -23.76 -8.73 -2.02
CA ASP A 526 -24.88 -8.73 -1.12
C ASP A 526 -26.06 -8.21 -1.83
N PHE A 527 -25.86 -7.29 -2.75
CA PHE A 527 -26.99 -6.89 -3.54
C PHE A 527 -27.47 -8.20 -4.14
N PHE A 528 -26.54 -9.00 -4.64
CA PHE A 528 -26.94 -10.24 -5.27
C PHE A 528 -27.67 -11.09 -4.27
N PHE A 529 -27.10 -11.23 -3.09
CA PHE A 529 -27.74 -12.11 -2.15
C PHE A 529 -29.13 -11.59 -1.86
N ARG A 530 -29.26 -10.29 -1.66
CA ARG A 530 -30.55 -9.76 -1.29
C ARG A 530 -31.51 -9.81 -2.45
N TRP A 531 -31.06 -10.17 -3.65
CA TRP A 531 -31.99 -10.33 -4.74
C TRP A 531 -32.47 -11.69 -4.53
N LEU A 532 -31.55 -12.62 -4.44
CA LEU A 532 -31.95 -13.99 -4.33
C LEU A 532 -32.58 -14.38 -3.01
N PHE A 533 -32.63 -13.49 -2.03
CA PHE A 533 -33.31 -13.83 -0.79
C PHE A 533 -34.63 -13.13 -0.84
N ASP A 534 -34.67 -11.99 -1.50
CA ASP A 534 -35.93 -11.29 -1.65
C ASP A 534 -36.41 -11.45 -3.07
N LYS A 535 -36.37 -12.68 -3.57
CA LYS A 535 -36.83 -12.93 -4.90
C LYS A 535 -38.30 -12.67 -4.92
N THR A 536 -39.05 -13.50 -4.20
CA THR A 536 -40.52 -13.38 -4.17
C THR A 536 -41.10 -13.00 -5.53
N SER A 537 -40.70 -13.72 -6.58
CA SER A 537 -41.18 -13.46 -7.93
C SER A 537 -41.22 -12.00 -8.38
N SER A 538 -42.40 -11.42 -8.50
CA SER A 538 -42.52 -10.06 -9.02
C SER A 538 -42.40 -8.97 -7.97
N GLU A 539 -42.26 -9.34 -6.70
CA GLU A 539 -42.04 -8.33 -5.67
C GLU A 539 -40.59 -7.93 -5.77
N ALA A 540 -40.28 -6.93 -6.58
CA ALA A 540 -38.90 -6.53 -6.79
C ALA A 540 -38.38 -5.71 -5.65
N SER A 541 -38.91 -5.95 -4.47
CA SER A 541 -38.47 -5.20 -3.33
C SER A 541 -37.16 -5.73 -2.87
N ILE A 542 -36.09 -5.46 -3.60
CA ILE A 542 -34.81 -5.84 -3.09
C ILE A 542 -34.61 -4.77 -2.07
N ARG A 543 -35.02 -5.02 -0.83
CA ARG A 543 -34.94 -4.00 0.17
C ARG A 543 -33.53 -3.58 0.33
N LEU A 544 -33.14 -2.51 -0.34
CA LEU A 544 -31.81 -2.01 -0.18
C LEU A 544 -31.82 -1.29 1.12
N GLU A 545 -31.76 -2.02 2.21
CA GLU A 545 -31.84 -1.41 3.50
C GLU A 545 -30.97 -2.26 4.31
N CYS A 546 -30.89 -3.51 3.91
CA CYS A 546 -30.03 -4.41 4.62
C CYS A 546 -28.91 -4.92 3.73
N VAL A 547 -28.55 -4.15 2.71
CA VAL A 547 -27.46 -4.53 1.85
C VAL A 547 -26.20 -3.79 2.24
N PHE A 548 -25.57 -4.19 3.33
CA PHE A 548 -24.33 -3.59 3.73
C PHE A 548 -23.25 -4.40 3.12
N LEU A 549 -22.88 -5.49 3.77
CA LEU A 549 -21.82 -6.32 3.28
C LEU A 549 -22.27 -7.71 3.64
N PRO A 550 -21.75 -8.74 2.98
CA PRO A 550 -22.17 -10.10 3.24
C PRO A 550 -22.05 -10.43 4.68
N ASP A 551 -20.84 -10.47 5.21
CA ASP A 551 -20.70 -10.64 6.63
C ASP A 551 -20.88 -9.21 6.92
N GLN A 552 -21.63 -8.86 7.96
CA GLN A 552 -21.95 -7.47 8.14
C GLN A 552 -20.83 -6.51 8.41
N GLY A 553 -19.60 -6.84 8.06
CA GLY A 553 -18.50 -5.92 8.19
C GLY A 553 -17.37 -6.67 8.79
N ALA A 554 -17.62 -7.93 9.03
CA ALA A 554 -16.65 -8.71 9.69
C ALA A 554 -15.52 -9.01 8.82
N PHE A 555 -15.66 -8.95 7.51
CA PHE A 555 -14.52 -9.34 6.73
C PHE A 555 -13.42 -8.43 7.12
N PHE A 556 -13.69 -7.15 7.21
CA PHE A 556 -12.61 -6.23 7.48
C PHE A 556 -12.23 -6.17 8.92
N VAL A 557 -13.10 -6.49 9.85
CA VAL A 557 -12.64 -6.40 11.21
C VAL A 557 -11.71 -7.54 11.31
N ASN A 558 -11.96 -8.59 10.56
CA ASN A 558 -11.10 -9.72 10.74
C ASN A 558 -9.84 -9.47 9.99
N TYR A 559 -9.86 -8.73 8.89
CA TYR A 559 -8.60 -8.44 8.26
C TYR A 559 -7.82 -7.64 9.25
N VAL A 560 -8.38 -6.66 9.93
CA VAL A 560 -7.53 -5.90 10.81
C VAL A 560 -7.02 -6.75 11.93
N ILE A 561 -7.83 -7.62 12.49
CA ILE A 561 -7.33 -8.37 13.63
C ILE A 561 -6.21 -9.18 13.13
N ALA A 562 -6.42 -9.83 11.99
CA ALA A 562 -5.45 -10.73 11.43
C ALA A 562 -4.25 -9.99 11.37
N SER A 563 -4.24 -8.89 10.61
CA SER A 563 -3.05 -8.08 10.45
C SER A 563 -2.50 -7.94 11.78
N ALA A 564 -2.98 -7.05 12.61
CA ALA A 564 -2.33 -6.88 13.90
C ALA A 564 -1.62 -8.10 14.35
N PHE A 565 -2.37 -9.05 14.83
CA PHE A 565 -1.64 -10.17 15.41
C PHE A 565 -0.64 -10.89 14.50
N ILE A 566 -1.12 -11.55 13.45
CA ILE A 566 -0.24 -12.36 12.63
C ILE A 566 0.84 -11.56 12.01
N GLY A 567 0.60 -10.30 11.74
CA GLY A 567 1.53 -9.51 10.98
C GLY A 567 2.59 -8.89 11.78
N ASN A 568 2.26 -8.58 12.99
CA ASN A 568 3.28 -8.04 13.80
C ASN A 568 4.10 -9.27 14.13
N GLY A 569 3.46 -10.41 14.19
CA GLY A 569 4.25 -11.58 14.42
C GLY A 569 5.25 -11.77 13.32
N MET A 570 4.82 -11.66 12.07
CA MET A 570 5.70 -11.95 10.98
C MET A 570 6.62 -10.82 10.61
N GLU A 571 6.50 -9.70 11.29
CA GLU A 571 7.45 -8.65 11.04
C GLU A 571 8.46 -8.78 12.13
N LEU A 572 8.14 -9.58 13.13
CA LEU A 572 9.08 -9.65 14.22
C LEU A 572 9.90 -10.81 13.84
N LEU A 573 9.29 -11.78 13.17
CA LEU A 573 10.00 -12.99 12.81
C LEU A 573 10.59 -12.82 11.46
N ARG A 574 9.93 -12.06 10.61
CA ARG A 574 10.39 -11.89 9.25
C ARG A 574 10.74 -13.22 8.69
N LEU A 575 9.85 -14.19 8.83
CA LEU A 575 10.17 -15.54 8.40
C LEU A 575 10.82 -15.57 7.05
N PRO A 576 10.20 -14.96 6.04
CA PRO A 576 10.96 -15.01 4.80
C PRO A 576 12.09 -14.09 4.98
N GLY A 577 13.25 -14.65 5.25
CA GLY A 577 14.40 -13.83 5.53
C GLY A 577 15.16 -14.71 6.45
N LEU A 578 14.50 -15.19 7.49
CA LEU A 578 15.16 -16.13 8.35
C LEU A 578 15.46 -17.31 7.47
N ILE A 579 14.54 -17.66 6.58
CA ILE A 579 14.74 -18.82 5.75
C ILE A 579 15.95 -18.59 4.87
N LEU A 580 16.00 -17.46 4.17
CA LEU A 580 17.14 -17.17 3.33
C LEU A 580 18.44 -17.16 4.13
N TYR A 581 18.46 -16.43 5.23
CA TYR A 581 19.65 -16.34 6.04
C TYR A 581 20.09 -17.72 6.33
N THR A 582 19.19 -18.51 6.89
CA THR A 582 19.57 -19.84 7.29
C THR A 582 20.28 -20.56 6.19
N PHE A 583 19.63 -20.69 5.05
CA PHE A 583 20.22 -21.46 3.98
C PHE A 583 21.50 -20.82 3.50
N ARG A 584 21.55 -19.49 3.46
CA ARG A 584 22.74 -18.83 2.94
C ARG A 584 23.89 -19.20 3.82
N MET A 585 23.62 -19.48 5.08
CA MET A 585 24.68 -19.78 5.96
C MET A 585 24.78 -21.25 6.20
N ILE A 586 23.79 -22.00 5.74
CA ILE A 586 23.92 -23.44 5.87
C ILE A 586 24.89 -23.85 4.81
N MET A 587 24.88 -23.16 3.68
CA MET A 587 25.86 -23.46 2.67
C MET A 587 26.93 -22.38 2.68
N ALA A 588 27.33 -21.96 3.88
CA ALA A 588 28.39 -20.95 4.00
C ALA A 588 29.77 -21.54 3.86
N LYS A 589 29.88 -22.86 3.94
CA LYS A 589 31.19 -23.51 3.87
C LYS A 589 32.14 -22.93 4.89
N THR A 590 33.01 -22.04 4.45
CA THR A 590 34.00 -21.47 5.34
C THR A 590 33.39 -20.51 6.33
N ALA A 591 34.06 -20.33 7.47
CA ALA A 591 33.58 -19.38 8.46
C ALA A 591 33.85 -17.98 8.01
N ALA A 592 34.70 -17.84 7.00
CA ALA A 592 34.94 -16.53 6.46
C ALA A 592 33.67 -16.11 5.81
N ASP A 593 33.10 -17.00 5.02
CA ASP A 593 31.87 -16.69 4.34
C ASP A 593 30.74 -16.49 5.34
N ARG A 594 30.79 -17.22 6.44
CA ARG A 594 29.77 -17.08 7.44
C ARG A 594 29.81 -15.65 7.88
N ARG A 595 30.98 -15.20 8.30
CA ARG A 595 31.11 -13.85 8.78
C ARG A 595 30.56 -12.93 7.73
N ASN A 596 30.88 -13.22 6.47
CA ASN A 596 30.43 -12.36 5.40
C ASN A 596 28.92 -12.26 5.43
N VAL A 597 28.24 -13.40 5.45
CA VAL A 597 26.80 -13.35 5.41
C VAL A 597 26.25 -12.51 6.54
N LYS A 598 26.71 -12.73 7.77
CA LYS A 598 26.17 -12.00 8.91
C LYS A 598 26.46 -10.53 8.77
N GLN A 599 27.57 -10.22 8.13
CA GLN A 599 27.94 -8.83 7.98
C GLN A 599 27.22 -8.23 6.81
N ASN A 600 26.34 -9.00 6.19
CA ASN A 600 25.65 -8.50 5.04
C ASN A 600 24.15 -8.39 5.26
N GLN A 601 23.54 -9.39 5.88
CA GLN A 601 22.12 -9.32 6.16
C GLN A 601 21.90 -8.18 7.13
N ALA A 602 21.50 -7.03 6.63
CA ALA A 602 21.34 -5.87 7.45
C ALA A 602 20.70 -4.82 6.61
N PHE A 603 19.57 -5.13 6.02
CA PHE A 603 18.96 -4.19 5.12
C PHE A 603 18.67 -2.90 5.81
N GLN A 604 18.82 -1.80 5.10
CA GLN A 604 18.46 -0.54 5.67
C GLN A 604 16.97 -0.61 5.73
N TYR A 605 16.39 -0.11 6.81
CA TYR A 605 14.95 -0.16 6.94
C TYR A 605 14.34 0.52 5.77
N GLU A 606 13.35 -0.11 5.18
CA GLU A 606 12.66 0.52 4.09
C GLU A 606 11.51 1.29 4.69
N PHE A 607 11.67 2.58 4.92
CA PHE A 607 10.63 3.37 5.56
C PHE A 607 9.67 3.77 4.51
N GLY A 608 9.65 3.05 3.43
CA GLY A 608 8.77 3.41 2.36
C GLY A 608 7.68 2.40 2.34
N ALA A 609 8.06 1.15 2.28
CA ALA A 609 7.05 0.13 2.21
C ALA A 609 6.37 0.05 3.52
N MET A 610 7.07 0.38 4.60
CA MET A 610 6.44 0.19 5.89
C MET A 610 5.44 1.27 6.15
N TYR A 611 5.76 2.49 5.79
CA TYR A 611 4.78 3.53 5.93
C TYR A 611 3.61 3.03 5.19
N ALA A 612 3.76 2.52 3.99
CA ALA A 612 2.60 2.13 3.23
C ALA A 612 1.78 1.02 3.81
N TRP A 613 2.39 -0.02 4.34
CA TRP A 613 1.63 -1.06 4.99
C TRP A 613 0.84 -0.50 6.14
N MET A 614 1.52 0.30 6.96
CA MET A 614 0.83 0.78 8.11
C MET A 614 -0.33 1.58 7.62
N LEU A 615 -0.15 2.39 6.60
CA LEU A 615 -1.23 3.26 6.20
C LEU A 615 -2.33 2.56 5.49
N CYS A 616 -2.11 1.44 4.85
CA CYS A 616 -3.18 0.66 4.26
C CYS A 616 -3.99 0.13 5.39
N VAL A 617 -3.34 -0.41 6.41
CA VAL A 617 -4.22 -0.85 7.49
C VAL A 617 -4.92 0.30 8.20
N PHE A 618 -4.31 1.48 8.24
CA PHE A 618 -4.94 2.55 8.97
C PHE A 618 -6.11 2.96 8.16
N THR A 619 -6.02 2.88 6.85
CA THR A 619 -7.10 3.24 6.00
C THR A 619 -8.19 2.27 6.29
N VAL A 620 -7.95 0.96 6.20
CA VAL A 620 -9.10 0.10 6.50
C VAL A 620 -9.72 0.54 7.82
N ILE A 621 -8.94 0.69 8.88
CA ILE A 621 -9.52 1.05 10.16
C ILE A 621 -10.38 2.27 10.05
N VAL A 622 -9.85 3.41 9.71
CA VAL A 622 -10.67 4.61 9.72
C VAL A 622 -11.87 4.50 8.82
N ALA A 623 -11.69 3.96 7.63
CA ALA A 623 -12.79 3.87 6.70
C ALA A 623 -13.94 3.11 7.26
N TYR A 624 -13.66 1.94 7.81
CA TYR A 624 -14.80 1.18 8.27
C TYR A 624 -15.25 1.56 9.66
N SER A 625 -14.46 2.34 10.37
CA SER A 625 -14.81 2.80 11.69
C SER A 625 -16.20 3.31 11.80
N ILE A 626 -16.53 4.49 11.30
CA ILE A 626 -17.87 4.96 11.52
C ILE A 626 -18.97 4.07 10.98
N THR A 627 -18.65 3.05 10.19
CA THR A 627 -19.66 2.19 9.59
C THR A 627 -19.55 0.79 10.10
N CYS A 628 -18.65 0.55 11.02
CA CYS A 628 -18.48 -0.77 11.62
C CYS A 628 -17.71 -0.53 12.87
N PRO A 629 -18.26 0.24 13.79
CA PRO A 629 -17.51 0.63 14.97
C PRO A 629 -16.47 -0.28 15.49
N ILE A 630 -16.74 -1.54 15.79
CA ILE A 630 -15.75 -2.41 16.42
C ILE A 630 -14.36 -2.46 15.76
N ILE A 631 -14.21 -2.00 14.53
CA ILE A 631 -12.92 -2.09 13.88
C ILE A 631 -11.89 -1.24 14.59
N ALA A 632 -12.28 -0.16 15.23
CA ALA A 632 -11.28 0.68 15.83
C ALA A 632 -10.65 0.08 17.05
N PRO A 633 -11.45 -0.44 17.96
CA PRO A 633 -10.74 -1.06 19.06
C PRO A 633 -9.77 -2.10 18.60
N PHE A 634 -10.17 -2.96 17.66
CA PHE A 634 -9.30 -4.03 17.18
C PHE A 634 -8.40 -3.47 16.14
N GLY A 635 -8.09 -2.20 16.24
CA GLY A 635 -7.20 -1.56 15.30
C GLY A 635 -6.22 -0.71 16.05
N LEU A 636 -6.55 -0.35 17.29
CA LEU A 636 -5.61 0.38 18.09
C LEU A 636 -4.67 -0.70 18.47
N ILE A 637 -5.15 -1.93 18.64
CA ILE A 637 -4.21 -2.98 18.93
C ILE A 637 -3.28 -3.23 17.76
N TYR A 638 -3.67 -2.91 16.54
CA TYR A 638 -2.73 -3.06 15.43
C TYR A 638 -1.65 -2.04 15.58
N ILE A 639 -1.97 -0.77 15.62
CA ILE A 639 -0.92 0.23 15.63
C ILE A 639 -0.13 0.26 16.91
N LEU A 640 -0.63 -0.31 17.99
CA LEU A 640 0.12 -0.34 19.20
C LEU A 640 1.05 -1.50 19.06
N LEU A 641 0.60 -2.57 18.44
CA LEU A 641 1.51 -3.66 18.22
C LEU A 641 2.43 -3.44 17.03
N LYS A 642 2.29 -2.34 16.30
CA LYS A 642 3.25 -2.08 15.23
C LYS A 642 4.25 -1.06 15.70
N HIS A 643 3.87 -0.21 16.66
CA HIS A 643 4.84 0.72 17.19
C HIS A 643 5.75 -0.19 17.93
N MET A 644 5.20 -1.22 18.56
CA MET A 644 6.08 -2.04 19.33
C MET A 644 6.98 -2.83 18.42
N VAL A 645 6.45 -3.46 17.39
CA VAL A 645 7.29 -4.30 16.56
C VAL A 645 8.29 -3.46 15.82
N ASP A 646 7.96 -2.22 15.53
CA ASP A 646 8.95 -1.38 14.90
C ASP A 646 9.97 -0.75 15.82
N ARG A 647 9.71 -0.67 17.11
CA ARG A 647 10.74 -0.15 17.95
C ARG A 647 11.69 -1.27 18.25
N HIS A 648 11.35 -2.49 17.86
CA HIS A 648 12.30 -3.58 18.01
C HIS A 648 13.01 -3.60 16.71
N ASN A 649 12.28 -3.85 15.65
CA ASN A 649 12.88 -3.91 14.35
C ASN A 649 13.80 -2.74 14.02
N LEU A 650 13.47 -1.52 14.38
CA LEU A 650 14.28 -0.37 14.00
C LEU A 650 15.42 -0.15 14.95
N TYR A 651 15.81 -1.18 15.70
CA TYR A 651 16.95 -1.03 16.57
C TYR A 651 17.67 -2.32 16.48
N PHE A 652 17.05 -3.38 16.92
CA PHE A 652 17.74 -4.66 16.95
C PHE A 652 18.05 -5.18 15.57
N VAL A 653 17.10 -5.19 14.67
CA VAL A 653 17.38 -5.61 13.31
C VAL A 653 17.44 -4.33 12.54
N TYR A 654 17.33 -4.37 11.22
CA TYR A 654 17.27 -3.16 10.39
C TYR A 654 18.26 -2.01 10.63
N LEU A 655 19.15 -1.79 9.68
CA LEU A 655 20.17 -0.76 9.81
C LEU A 655 19.69 0.66 9.70
N PRO A 656 20.43 1.58 10.29
CA PRO A 656 20.07 2.98 10.19
C PRO A 656 19.88 3.38 8.77
N ALA A 657 18.87 4.20 8.50
CA ALA A 657 18.71 4.69 7.14
C ALA A 657 18.41 6.16 7.11
N LYS A 658 18.48 6.74 5.91
CA LYS A 658 18.14 8.15 5.76
C LYS A 658 17.37 8.29 4.47
N LEU A 659 16.17 8.84 4.54
CA LEU A 659 15.36 8.99 3.35
C LEU A 659 15.04 10.41 3.02
N GLU A 660 14.49 10.62 1.85
CA GLU A 660 14.09 11.94 1.45
C GLU A 660 13.00 12.30 2.39
N LYS A 661 12.98 13.55 2.81
CA LYS A 661 11.98 13.97 3.76
C LYS A 661 10.63 13.84 3.11
N GLY A 662 10.60 13.64 1.81
CA GLY A 662 9.34 13.51 1.11
C GLY A 662 8.59 12.28 1.51
N ILE A 663 9.29 11.19 1.80
CA ILE A 663 8.63 9.96 2.14
C ILE A 663 7.84 10.22 3.40
N HIS A 664 8.28 10.98 4.38
CA HIS A 664 7.36 11.21 5.54
C HIS A 664 6.06 12.04 5.21
N PHE A 665 6.20 12.97 4.28
CA PHE A 665 5.05 13.78 3.94
C PHE A 665 4.06 13.00 3.11
N ALA A 666 4.54 12.03 2.36
CA ALA A 666 3.61 11.22 1.62
C ALA A 666 2.78 10.44 2.59
N ALA A 667 3.35 10.03 3.70
CA ALA A 667 2.58 9.37 4.73
C ALA A 667 1.53 10.27 5.31
N VAL A 668 1.93 11.48 5.64
CA VAL A 668 0.84 12.31 6.13
C VAL A 668 -0.29 12.43 5.08
N ASN A 669 0.08 12.57 3.82
CA ASN A 669 -0.94 12.68 2.79
C ASN A 669 -1.83 11.45 2.74
N GLN A 670 -1.24 10.28 2.84
CA GLN A 670 -2.01 9.05 2.86
C GLN A 670 -2.93 8.89 4.07
N ALA A 671 -2.56 9.37 5.23
CA ALA A 671 -3.54 9.30 6.33
C ALA A 671 -4.68 10.28 6.08
N LEU A 672 -4.35 11.42 5.52
CA LEU A 672 -5.48 12.27 5.23
C LEU A 672 -6.41 11.50 4.26
N ALA A 673 -5.80 10.80 3.32
CA ALA A 673 -6.59 10.00 2.36
C ALA A 673 -7.44 9.01 3.06
N ALA A 674 -6.93 8.33 4.06
CA ALA A 674 -7.79 7.47 4.88
C ALA A 674 -9.03 8.15 5.41
N PRO A 675 -8.84 9.20 6.23
CA PRO A 675 -10.17 9.78 6.50
C PRO A 675 -11.09 10.19 5.32
N ILE A 676 -10.53 10.70 4.22
CA ILE A 676 -11.47 11.01 3.12
C ILE A 676 -12.13 9.77 2.52
N LEU A 677 -11.44 8.65 2.46
CA LEU A 677 -12.01 7.38 1.98
C LEU A 677 -13.07 6.93 2.94
N CYS A 678 -12.92 7.23 4.21
CA CYS A 678 -14.03 6.93 5.15
C CYS A 678 -15.21 7.71 4.78
N LEU A 679 -15.05 9.02 4.63
CA LEU A 679 -16.28 9.70 4.21
C LEU A 679 -16.84 9.07 2.93
N PHE A 680 -15.99 8.68 2.00
CA PHE A 680 -16.51 8.12 0.75
C PHE A 680 -17.24 6.80 0.91
N TRP A 681 -16.79 5.92 1.78
CA TRP A 681 -17.50 4.69 1.99
C TRP A 681 -18.78 4.94 2.73
N LEU A 682 -18.79 5.91 3.63
CA LEU A 682 -20.08 6.21 4.24
C LEU A 682 -20.99 6.60 3.11
N TYR A 683 -20.53 7.45 2.20
CA TYR A 683 -21.40 7.76 1.06
C TYR A 683 -21.86 6.57 0.27
N PHE A 684 -20.97 5.68 -0.12
CA PHE A 684 -21.36 4.56 -0.95
C PHE A 684 -22.42 3.79 -0.24
N PHE A 685 -22.27 3.58 1.06
CA PHE A 685 -23.27 2.75 1.70
C PHE A 685 -24.59 3.48 1.91
N SER A 686 -24.54 4.77 2.20
CA SER A 686 -25.77 5.52 2.32
C SER A 686 -26.41 5.76 0.96
N PHE A 687 -25.73 5.35 -0.09
CA PHE A 687 -26.33 5.44 -1.42
C PHE A 687 -26.93 4.08 -1.76
N LEU A 688 -26.25 3.00 -1.42
CA LEU A 688 -26.83 1.70 -1.68
C LEU A 688 -28.09 1.70 -0.90
N ARG A 689 -27.95 1.81 0.40
CA ARG A 689 -29.08 1.87 1.25
C ARG A 689 -29.52 3.29 1.37
N LEU A 690 -30.50 3.57 2.20
CA LEU A 690 -30.93 4.93 2.45
C LEU A 690 -31.17 5.73 1.20
N GLY A 691 -31.45 5.09 0.09
CA GLY A 691 -31.77 5.84 -1.11
C GLY A 691 -30.63 6.66 -1.66
N MET A 692 -30.95 7.68 -2.43
CA MET A 692 -29.91 8.48 -3.05
C MET A 692 -30.36 9.92 -3.10
N LYS A 693 -31.46 10.20 -2.45
CA LYS A 693 -32.01 11.54 -2.48
C LYS A 693 -32.57 11.87 -1.12
N ALA A 694 -32.13 11.15 -0.11
CA ALA A 694 -32.65 11.38 1.23
C ALA A 694 -31.66 12.25 1.99
N PRO A 695 -32.14 12.89 3.06
CA PRO A 695 -31.26 13.80 3.80
C PRO A 695 -29.93 13.18 4.14
N ALA A 696 -29.95 11.98 4.69
CA ALA A 696 -28.73 11.32 5.08
C ALA A 696 -27.69 11.31 4.00
N THR A 697 -27.97 10.64 2.89
CA THR A 697 -26.97 10.52 1.86
C THR A 697 -26.59 11.88 1.35
N LEU A 698 -27.51 12.82 1.33
CA LEU A 698 -27.19 14.11 0.78
C LEU A 698 -26.22 14.85 1.68
N PHE A 699 -26.38 14.74 2.98
CA PHE A 699 -25.43 15.36 3.90
C PHE A 699 -24.09 14.77 3.58
N THR A 700 -23.98 13.45 3.55
CA THR A 700 -22.67 12.84 3.34
C THR A 700 -22.12 13.10 1.96
N PHE A 701 -22.97 13.35 0.98
CA PHE A 701 -22.45 13.72 -0.32
C PHE A 701 -21.89 15.10 -0.24
N LEU A 702 -22.59 15.99 0.43
CA LEU A 702 -22.14 17.36 0.53
C LEU A 702 -20.77 17.37 1.11
N VAL A 703 -20.60 16.69 2.23
CA VAL A 703 -19.31 16.77 2.85
C VAL A 703 -18.30 16.17 1.91
N LEU A 704 -18.62 15.05 1.29
CA LEU A 704 -17.65 14.40 0.45
C LEU A 704 -17.22 15.36 -0.64
N LEU A 705 -18.17 16.02 -1.27
CA LEU A 705 -17.82 16.91 -2.35
C LEU A 705 -16.94 18.02 -1.85
N LEU A 706 -17.38 18.70 -0.80
CA LEU A 706 -16.61 19.80 -0.27
C LEU A 706 -15.21 19.36 0.07
N THR A 707 -15.07 18.21 0.72
CA THR A 707 -13.75 17.77 1.12
C THR A 707 -12.89 17.53 -0.08
N ILE A 708 -13.42 16.84 -1.07
CA ILE A 708 -12.59 16.52 -2.22
C ILE A 708 -12.16 17.82 -2.86
N LEU A 709 -12.98 18.85 -2.75
CA LEU A 709 -12.65 20.12 -3.38
C LEU A 709 -11.55 20.87 -2.64
N VAL A 710 -11.67 20.98 -1.33
CA VAL A 710 -10.65 21.68 -0.59
C VAL A 710 -9.35 20.91 -0.69
N CYS A 711 -9.44 19.59 -0.78
CA CYS A 711 -8.23 18.81 -0.94
C CYS A 711 -7.62 19.14 -2.27
N LEU A 712 -8.44 19.23 -3.31
CA LEU A 712 -7.94 19.57 -4.63
C LEU A 712 -7.24 20.92 -4.61
N ALA A 713 -7.73 21.85 -3.79
CA ALA A 713 -7.12 23.15 -3.71
C ALA A 713 -5.72 23.02 -3.19
N HIS A 714 -5.57 22.34 -2.06
CA HIS A 714 -4.25 22.19 -1.46
C HIS A 714 -3.34 21.34 -2.33
N THR A 715 -3.88 20.69 -3.35
CA THR A 715 -3.05 19.95 -4.26
C THR A 715 -2.60 20.88 -5.37
N CYS A 716 -3.56 21.57 -5.98
CA CYS A 716 -3.23 22.47 -7.09
C CYS A 716 -2.71 23.83 -6.64
N PHE A 717 -3.59 24.67 -6.11
CA PHE A 717 -3.20 25.99 -5.64
C PHE A 717 -1.94 25.93 -4.78
N GLY A 718 -1.81 24.88 -3.97
CA GLY A 718 -0.64 24.75 -3.12
C GLY A 718 0.10 23.46 -3.42
#